data_4DYV
#
_entry.id   4DYV
#
_cell.length_a   71.901
_cell.length_b   83.046
_cell.length_c   93.503
_cell.angle_alpha   90.00
_cell.angle_beta   90.00
_cell.angle_gamma   90.00
#
_symmetry.space_group_name_H-M   'I 2 2 2'
#
loop_
_entity.id
_entity.type
_entity.pdbx_description
1 polymer 'Short-chain dehydrogenase/reductase SDR'
2 non-polymer 'CHLORIDE ION'
3 water water
#
_entity_poly.entity_id   1
_entity_poly.type   'polypeptide(L)'
_entity_poly.pdbx_seq_one_letter_code
;(MSE)HHHHHHSSGVDLGTENLYFQS(MSE)SKTGKKIAIVTGAGSGVGRAVAVALAGAGYGVALAGRRLDALQETAAEI
GDDALCVPTDVTDPDSVRALFTATVEKFGRVDVLFNNAGTGAPAIP(MSE)EDLTFAQWKQVVDTNLTGPFLCTQEAFRV
(MSE)KAQEPRGGRIINNGSISATSPRPYSAPYTATKHAITGLTKSTSLDGRVHDIACGQIDIGNADTP(MSE)AQK
(MSE)KAGVPQADLSIKVEPV(MSE)DVAHVASAVVY(MSE)ASLPLDANVQF(MSE)TI(MSE)ATK(MSE)PLIGRG
;
_entity_poly.pdbx_strand_id   A
#
# COMPACT_ATOMS: atom_id res chain seq x y z
N LYS A 28 -13.04 2.66 -14.56
CA LYS A 28 -13.85 1.36 -14.27
C LYS A 28 -13.17 0.43 -13.22
N LYS A 29 -11.87 0.01 -13.29
CA LYS A 29 -11.32 -0.66 -12.06
C LYS A 29 -10.94 0.44 -11.07
N ILE A 30 -11.09 0.22 -9.76
CA ILE A 30 -10.93 1.28 -8.81
C ILE A 30 -9.74 0.86 -7.90
N ALA A 31 -8.83 1.81 -7.64
CA ALA A 31 -7.71 1.58 -6.70
C ALA A 31 -7.68 2.49 -5.57
N ILE A 32 -7.25 2.03 -4.37
CA ILE A 32 -6.92 2.93 -3.27
C ILE A 32 -5.40 2.86 -3.16
N VAL A 33 -4.73 4.01 -3.14
CA VAL A 33 -3.26 4.03 -3.04
C VAL A 33 -2.91 4.76 -1.77
N THR A 34 -2.26 4.08 -0.80
CA THR A 34 -1.80 4.80 0.41
C THR A 34 -0.40 5.38 0.18
N GLY A 35 0.00 6.36 1.02
CA GLY A 35 1.24 7.09 0.84
C GLY A 35 1.25 7.78 -0.53
N ALA A 36 0.07 8.22 -0.97
CA ALA A 36 -0.01 8.63 -2.34
C ALA A 36 0.53 10.03 -2.63
N GLY A 37 0.88 10.78 -1.55
CA GLY A 37 1.43 12.14 -1.73
C GLY A 37 2.92 12.21 -2.05
N SER A 38 3.60 11.06 -2.17
CA SER A 38 5.01 11.14 -2.40
C SER A 38 5.58 9.86 -3.00
N GLY A 39 6.76 9.99 -3.59
CA GLY A 39 7.59 8.77 -3.86
C GLY A 39 6.82 7.73 -4.65
N VAL A 40 6.97 6.47 -4.22
CA VAL A 40 6.40 5.37 -5.02
C VAL A 40 4.89 5.41 -4.98
N GLY A 41 4.32 5.89 -3.87
CA GLY A 41 2.83 5.96 -3.76
C GLY A 41 2.28 6.92 -4.84
N ARG A 42 2.87 8.12 -4.94
CA ARG A 42 2.47 9.02 -6.00
C ARG A 42 2.67 8.40 -7.38
N ALA A 43 3.82 7.80 -7.64
CA ALA A 43 4.07 7.23 -8.97
C ALA A 43 3.06 6.11 -9.30
N VAL A 44 2.75 5.26 -8.32
CA VAL A 44 1.72 4.21 -8.55
C VAL A 44 0.36 4.81 -8.83
N ALA A 45 -0.05 5.79 -8.02
CA ALA A 45 -1.35 6.40 -8.28
C ALA A 45 -1.45 7.01 -9.69
N VAL A 46 -0.46 7.81 -10.07
CA VAL A 46 -0.38 8.37 -11.45
C VAL A 46 -0.38 7.26 -12.54
N ALA A 47 0.39 6.20 -12.37
CA ALA A 47 0.45 5.10 -13.35
C ALA A 47 -0.89 4.33 -13.41
N LEU A 48 -1.53 4.03 -12.25
CA LEU A 48 -2.84 3.36 -12.29
C LEU A 48 -3.87 4.23 -12.97
N ALA A 49 -3.88 5.51 -12.64
CA ALA A 49 -4.84 6.41 -13.32
C ALA A 49 -4.57 6.46 -14.84
N GLY A 50 -3.28 6.51 -15.24
CA GLY A 50 -2.90 6.46 -16.69
C GLY A 50 -3.35 5.19 -17.40
N ALA A 51 -3.47 4.11 -16.65
CA ALA A 51 -3.91 2.80 -17.16
C ALA A 51 -5.43 2.70 -17.09
N GLY A 52 -6.07 3.78 -16.69
CA GLY A 52 -7.52 3.87 -16.73
C GLY A 52 -8.27 3.54 -15.43
N TYR A 53 -7.56 3.42 -14.31
CA TYR A 53 -8.24 3.22 -13.01
C TYR A 53 -8.79 4.47 -12.48
N GLY A 54 -9.90 4.34 -11.72
CA GLY A 54 -10.32 5.41 -10.82
C GLY A 54 -9.48 5.27 -9.55
N VAL A 55 -8.99 6.39 -9.05
CA VAL A 55 -8.05 6.30 -7.91
C VAL A 55 -8.43 7.18 -6.71
N ALA A 56 -8.46 6.55 -5.54
CA ALA A 56 -8.53 7.26 -4.29
C ALA A 56 -7.10 7.41 -3.70
N LEU A 57 -6.73 8.64 -3.34
CA LEU A 57 -5.35 8.98 -2.87
C LEU A 57 -5.38 9.17 -1.39
N ALA A 58 -4.70 8.27 -0.66
CA ALA A 58 -4.73 8.32 0.80
C ALA A 58 -3.33 8.69 1.29
N GLY A 59 -3.30 9.60 2.26
CA GLY A 59 -2.01 10.00 2.88
C GLY A 59 -2.30 11.00 3.98
N ARG A 60 -1.27 11.31 4.77
CA ARG A 60 -1.52 12.14 6.00
C ARG A 60 -1.80 13.61 5.62
N ARG A 61 -1.13 14.11 4.57
CA ARG A 61 -1.22 15.54 4.22
C ARG A 61 -2.00 15.83 2.93
N LEU A 62 -3.00 16.71 3.04
CA LEU A 62 -3.79 17.10 1.88
C LEU A 62 -2.92 17.76 0.81
N ASP A 63 -1.94 18.57 1.20
CA ASP A 63 -1.19 19.35 0.15
C ASP A 63 -0.58 18.44 -0.93
N ALA A 64 0.15 17.44 -0.45
CA ALA A 64 0.86 16.56 -1.37
C ALA A 64 -0.16 15.66 -2.11
N LEU A 65 -1.28 15.27 -1.48
CA LEU A 65 -2.32 14.55 -2.19
C LEU A 65 -2.86 15.40 -3.31
N GLN A 66 -3.07 16.67 -3.01
CA GLN A 66 -3.53 17.55 -4.11
C GLN A 66 -2.60 17.61 -5.30
N GLU A 67 -1.26 17.68 -5.10
CA GLU A 67 -0.37 17.73 -6.17
C GLU A 67 -0.44 16.39 -6.96
N THR A 68 -0.52 15.24 -6.27
CA THR A 68 -0.71 14.01 -7.01
C THR A 68 -2.01 14.09 -7.89
N ALA A 69 -3.11 14.56 -7.31
CA ALA A 69 -4.39 14.63 -8.07
C ALA A 69 -4.20 15.57 -9.30
N ALA A 70 -3.41 16.65 -9.14
CA ALA A 70 -3.15 17.58 -10.26
C ALA A 70 -2.38 16.93 -11.38
N GLU A 71 -1.47 16.06 -11.02
CA GLU A 71 -0.73 15.30 -11.98
C GLU A 71 -1.57 14.33 -12.79
N ILE A 72 -2.52 13.73 -12.12
CA ILE A 72 -3.50 12.84 -12.73
C ILE A 72 -4.46 13.58 -13.64
N GLY A 73 -4.90 14.72 -13.19
CA GLY A 73 -5.63 15.64 -14.02
C GLY A 73 -6.88 15.02 -14.57
N ASP A 74 -7.54 14.26 -13.74
CA ASP A 74 -8.76 13.61 -14.11
C ASP A 74 -9.67 13.70 -12.91
N ASP A 75 -10.04 12.58 -12.33
CA ASP A 75 -10.98 12.61 -11.27
C ASP A 75 -10.46 11.86 -10.04
N ALA A 76 -9.18 11.98 -9.75
CA ALA A 76 -8.66 11.36 -8.51
C ALA A 76 -9.35 11.94 -7.30
N LEU A 77 -9.57 11.19 -6.25
CA LEU A 77 -10.24 11.62 -5.09
C LEU A 77 -9.14 11.79 -4.00
N CYS A 78 -8.97 12.98 -3.43
CA CYS A 78 -8.01 13.11 -2.32
C CYS A 78 -8.70 12.76 -1.05
N VAL A 79 -8.10 11.85 -0.23
CA VAL A 79 -8.67 11.48 1.08
C VAL A 79 -7.57 11.48 2.19
N PRO A 80 -7.33 12.63 2.84
CA PRO A 80 -6.41 12.68 3.98
C PRO A 80 -6.84 11.59 4.95
N THR A 81 -5.88 10.78 5.37
CA THR A 81 -6.13 9.58 6.13
C THR A 81 -4.95 9.31 7.03
N ASP A 82 -5.23 8.83 8.24
CA ASP A 82 -4.18 8.30 9.08
C ASP A 82 -4.34 6.78 8.99
N VAL A 83 -3.51 6.08 8.20
CA VAL A 83 -3.74 4.59 8.12
C VAL A 83 -3.42 3.80 9.38
N THR A 84 -2.90 4.44 10.43
CA THR A 84 -2.65 3.75 11.68
C THR A 84 -3.88 3.80 12.53
N ASP A 85 -4.94 4.49 12.04
CA ASP A 85 -6.16 4.70 12.83
C ASP A 85 -7.37 3.95 12.26
N PRO A 86 -8.00 2.99 13.02
CA PRO A 86 -9.04 2.20 12.38
C PRO A 86 -10.19 3.04 11.82
N ASP A 87 -10.60 4.06 12.58
CA ASP A 87 -11.73 4.88 12.04
C ASP A 87 -11.37 5.64 10.78
N SER A 88 -10.16 6.16 10.69
CA SER A 88 -9.71 6.92 9.52
C SER A 88 -9.63 5.97 8.32
N VAL A 89 -9.14 4.74 8.62
CA VAL A 89 -9.12 3.75 7.55
C VAL A 89 -10.53 3.42 7.04
N ARG A 90 -11.45 3.15 7.96
CA ARG A 90 -12.80 2.89 7.52
C ARG A 90 -13.33 4.04 6.71
N ALA A 91 -13.04 5.28 7.12
CA ALA A 91 -13.55 6.43 6.43
C ALA A 91 -13.00 6.52 5.01
N LEU A 92 -11.74 6.10 4.83
CA LEU A 92 -11.13 6.12 3.52
C LEU A 92 -11.83 5.16 2.58
N PHE A 93 -12.07 3.93 3.03
CA PHE A 93 -12.76 3.01 2.13
C PHE A 93 -14.22 3.41 1.83
N THR A 94 -14.88 3.91 2.84
CA THR A 94 -16.27 4.43 2.66
C THR A 94 -16.35 5.55 1.65
N ALA A 95 -15.45 6.53 1.75
CA ALA A 95 -15.32 7.64 0.79
C ALA A 95 -15.08 7.10 -0.65
N THR A 96 -14.22 6.06 -0.75
CA THR A 96 -13.94 5.46 -2.03
C THR A 96 -15.11 4.76 -2.65
N VAL A 97 -15.80 3.98 -1.82
CA VAL A 97 -16.98 3.24 -2.36
C VAL A 97 -18.12 4.26 -2.67
N GLU A 98 -18.22 5.27 -1.83
CA GLU A 98 -19.25 6.34 -2.13
C GLU A 98 -18.97 6.99 -3.49
N LYS A 99 -17.72 7.30 -3.80
CA LYS A 99 -17.39 7.98 -5.02
C LYS A 99 -17.38 7.09 -6.22
N PHE A 100 -16.76 5.91 -6.04
CA PHE A 100 -16.43 5.09 -7.21
C PHE A 100 -17.24 3.83 -7.31
N GLY A 101 -17.84 3.38 -6.23
CA GLY A 101 -18.71 2.25 -6.23
C GLY A 101 -18.20 0.91 -5.76
N ARG A 102 -16.87 0.74 -5.61
CA ARG A 102 -16.25 -0.51 -5.23
C ARG A 102 -14.74 -0.24 -5.12
N VAL A 103 -14.00 -1.26 -4.66
CA VAL A 103 -12.56 -1.12 -4.57
C VAL A 103 -11.95 -2.42 -5.14
N ASP A 104 -11.26 -2.31 -6.27
CA ASP A 104 -10.68 -3.50 -6.85
C ASP A 104 -9.23 -3.76 -6.42
N VAL A 105 -8.51 -2.69 -6.15
CA VAL A 105 -7.08 -2.89 -5.82
C VAL A 105 -6.74 -1.98 -4.66
N LEU A 106 -5.96 -2.53 -3.70
CA LEU A 106 -5.38 -1.66 -2.65
C LEU A 106 -3.87 -1.75 -2.81
N PHE A 107 -3.18 -0.60 -2.93
CA PHE A 107 -1.69 -0.60 -2.81
C PHE A 107 -1.40 -0.14 -1.41
N ASN A 108 -1.01 -1.10 -0.58
CA ASN A 108 -0.78 -0.93 0.83
C ASN A 108 0.66 -0.52 0.98
N ASN A 109 0.87 0.78 1.13
CA ASN A 109 2.22 1.37 0.92
C ASN A 109 2.59 2.22 2.09
N ALA A 110 3.57 1.76 2.86
CA ALA A 110 4.04 2.50 4.01
C ALA A 110 5.49 2.29 3.99
N GLY A 111 6.25 3.17 4.65
CA GLY A 111 7.70 2.82 4.70
C GLY A 111 8.40 3.88 5.54
N THR A 112 8.33 3.80 6.84
CA THR A 112 9.18 4.74 7.63
C THR A 112 10.32 4.00 8.33
N GLY A 113 11.37 4.71 8.76
CA GLY A 113 12.45 4.05 9.49
C GLY A 113 12.67 4.83 10.78
N ALA A 114 13.38 4.25 11.75
CA ALA A 114 13.72 5.06 12.90
C ALA A 114 15.11 5.64 12.53
N PRO A 115 15.62 6.57 13.34
CA PRO A 115 16.96 7.06 13.09
C PRO A 115 18.02 5.97 13.10
N ALA A 116 18.99 6.19 12.24
CA ALA A 116 20.13 5.27 12.17
C ALA A 116 21.13 5.43 13.33
N ILE A 117 20.72 4.95 14.51
CA ILE A 117 21.45 5.09 15.70
C ILE A 117 21.51 3.66 16.35
N PRO A 118 22.43 3.51 17.31
CA PRO A 118 22.59 2.18 18.02
C PRO A 118 21.20 1.75 18.49
N GLU A 120 19.99 0.16 21.00
CA GLU A 120 19.62 0.32 22.37
C GLU A 120 19.39 1.81 22.71
N ASP A 121 19.75 2.72 21.81
CA ASP A 121 19.39 4.16 21.97
C ASP A 121 18.00 4.53 21.51
N LEU A 122 17.32 3.61 20.77
CA LEU A 122 15.95 3.91 20.36
C LEU A 122 14.99 3.99 21.50
N THR A 123 14.17 5.04 21.47
CA THR A 123 13.17 5.15 22.50
C THR A 123 11.98 4.27 22.18
N PHE A 124 11.23 3.98 23.21
CA PHE A 124 10.02 3.18 22.99
C PHE A 124 9.10 3.86 21.95
N ALA A 125 8.95 5.20 22.01
CA ALA A 125 8.14 5.87 21.02
C ALA A 125 8.66 5.78 19.58
N GLN A 126 9.97 5.79 19.39
CA GLN A 126 10.56 5.67 18.07
C GLN A 126 10.28 4.27 17.54
N TRP A 127 10.43 3.29 18.40
CA TRP A 127 10.04 1.89 18.01
C TRP A 127 8.55 1.76 17.61
N LYS A 128 7.63 2.22 18.49
CA LYS A 128 6.23 2.18 18.26
C LYS A 128 5.86 2.93 16.97
N GLN A 129 6.55 4.03 16.64
CA GLN A 129 6.16 4.75 15.44
C GLN A 129 6.38 3.90 14.17
N VAL A 130 7.50 3.17 14.16
CA VAL A 130 7.82 2.32 12.96
C VAL A 130 6.83 1.14 12.91
N VAL A 131 6.56 0.52 14.06
CA VAL A 131 5.59 -0.67 14.09
C VAL A 131 4.21 -0.18 13.64
N ASP A 132 3.78 0.99 14.15
CA ASP A 132 2.41 1.46 13.84
C ASP A 132 2.34 1.76 12.35
N THR A 133 3.34 2.49 11.80
CA THR A 133 3.31 2.90 10.41
C THR A 133 3.51 1.77 9.41
N ASN A 134 4.50 0.96 9.69
CA ASN A 134 4.89 -0.04 8.69
C ASN A 134 4.11 -1.36 8.83
N LEU A 135 3.55 -1.63 9.97
CA LEU A 135 2.90 -2.95 10.18
C LEU A 135 1.40 -2.85 10.55
N THR A 136 1.06 -2.08 11.57
CA THR A 136 -0.33 -1.86 11.95
C THR A 136 -1.11 -1.18 10.84
N GLY A 137 -0.56 -0.13 10.19
CA GLY A 137 -1.32 0.54 9.08
C GLY A 137 -1.73 -0.51 7.99
N PRO A 138 -0.77 -1.23 7.44
CA PRO A 138 -1.07 -2.21 6.40
C PRO A 138 -2.04 -3.31 6.89
N PHE A 139 -1.92 -3.68 8.16
CA PHE A 139 -2.84 -4.74 8.66
C PHE A 139 -4.26 -4.16 8.72
N LEU A 140 -4.39 -2.93 9.25
CA LEU A 140 -5.79 -2.36 9.33
C LEU A 140 -6.37 -2.12 7.93
N CYS A 141 -5.55 -1.67 6.99
CA CYS A 141 -6.09 -1.51 5.63
C CYS A 141 -6.44 -2.84 4.99
N THR A 142 -5.69 -3.93 5.33
CA THR A 142 -6.01 -5.22 4.78
C THR A 142 -7.39 -5.70 5.39
N GLN A 143 -7.57 -5.51 6.71
CA GLN A 143 -8.89 -5.86 7.32
C GLN A 143 -10.02 -5.10 6.61
N GLU A 144 -9.85 -3.80 6.38
CA GLU A 144 -10.94 -3.04 5.76
C GLU A 144 -11.13 -3.45 4.31
N ALA A 145 -10.04 -3.75 3.61
CA ALA A 145 -10.17 -4.27 2.30
C ALA A 145 -10.94 -5.62 2.28
N PHE A 146 -10.72 -6.51 3.24
CA PHE A 146 -11.48 -7.76 3.27
C PHE A 146 -12.99 -7.40 3.44
N ARG A 147 -13.28 -6.47 4.33
CA ARG A 147 -14.72 -6.10 4.62
C ARG A 147 -15.34 -5.59 3.30
N VAL A 148 -14.62 -4.73 2.62
CA VAL A 148 -15.20 -4.13 1.40
C VAL A 148 -15.23 -5.09 0.24
N LYS A 150 -15.15 -8.36 0.14
CA LYS A 150 -15.94 -9.60 0.24
C LYS A 150 -17.44 -9.22 0.02
N ALA A 151 -17.74 -7.95 0.26
CA ALA A 151 -19.15 -7.48 0.21
C ALA A 151 -19.60 -7.03 -1.12
N GLN A 152 -18.68 -6.67 -1.99
CA GLN A 152 -19.05 -6.11 -3.27
C GLN A 152 -19.42 -7.14 -4.32
N GLU A 153 -19.95 -6.67 -5.48
CA GLU A 153 -20.35 -7.65 -6.50
C GLU A 153 -19.96 -7.09 -7.85
N PRO A 154 -19.18 -7.84 -8.65
CA PRO A 154 -18.56 -9.15 -8.36
C PRO A 154 -17.67 -9.03 -7.17
N ARG A 155 -17.50 -10.14 -6.50
CA ARG A 155 -16.81 -10.15 -5.20
C ARG A 155 -15.25 -10.17 -5.50
N GLY A 156 -14.51 -9.66 -4.56
CA GLY A 156 -13.04 -9.88 -4.49
C GLY A 156 -12.27 -8.68 -5.04
N GLY A 157 -10.98 -8.91 -5.18
CA GLY A 157 -10.03 -7.93 -5.62
C GLY A 157 -8.61 -8.35 -5.22
N ARG A 158 -7.71 -7.41 -5.27
CA ARG A 158 -6.32 -7.68 -4.98
C ARG A 158 -5.68 -6.67 -4.08
N ILE A 159 -4.84 -7.12 -3.19
CA ILE A 159 -4.08 -6.26 -2.32
C ILE A 159 -2.60 -6.42 -2.65
N ILE A 160 -1.92 -5.32 -2.89
CA ILE A 160 -0.48 -5.37 -3.24
C ILE A 160 0.21 -4.62 -2.12
N ASN A 161 1.07 -5.34 -1.39
CA ASN A 161 1.82 -4.79 -0.25
C ASN A 161 3.22 -4.35 -0.70
N ASN A 162 3.58 -3.14 -0.27
CA ASN A 162 4.90 -2.64 -0.64
C ASN A 162 5.84 -3.05 0.50
N GLY A 163 6.85 -3.82 0.12
CA GLY A 163 7.76 -4.47 1.08
C GLY A 163 8.94 -3.55 1.29
N SER A 164 10.11 -4.19 1.38
CA SER A 164 11.36 -3.47 1.75
C SER A 164 12.01 -2.71 0.58
N ILE A 165 12.84 -1.70 0.90
CA ILE A 165 13.74 -1.14 -0.17
C ILE A 165 15.17 -1.66 -0.04
N SER A 166 15.42 -2.60 0.87
CA SER A 166 16.82 -3.18 1.03
C SER A 166 16.67 -4.65 1.04
N ALA A 167 16.00 -5.18 0.05
CA ALA A 167 15.55 -6.62 0.13
C ALA A 167 16.62 -7.70 0.47
N THR A 168 17.76 -7.65 -0.12
CA THR A 168 18.64 -8.79 0.15
C THR A 168 19.67 -8.55 1.24
N SER A 169 19.68 -7.36 1.79
CA SER A 169 20.57 -7.07 2.88
C SER A 169 20.19 -5.89 3.69
N PRO A 170 19.98 -6.22 5.03
CA PRO A 170 19.63 -5.06 5.88
C PRO A 170 20.73 -3.99 6.05
N ARG A 171 20.33 -2.74 6.12
CA ARG A 171 21.29 -1.67 6.41
C ARG A 171 21.65 -1.73 7.90
N PRO A 172 22.81 -1.20 8.26
CA PRO A 172 23.18 -1.03 9.66
C PRO A 172 22.11 -0.17 10.36
N TYR A 173 21.92 -0.41 11.66
CA TYR A 173 21.04 0.40 12.47
C TYR A 173 19.64 0.43 11.91
N SER A 174 19.12 -0.76 11.47
CA SER A 174 17.77 -0.68 10.85
C SER A 174 16.79 -1.71 11.50
N ALA A 175 17.03 -2.16 12.76
CA ALA A 175 16.15 -3.28 13.25
C ALA A 175 14.63 -2.98 13.16
N PRO A 176 14.13 -1.77 13.51
CA PRO A 176 12.67 -1.56 13.44
C PRO A 176 12.19 -1.67 11.98
N TYR A 177 12.93 -1.04 11.05
CA TYR A 177 12.52 -1.10 9.61
C TYR A 177 12.62 -2.58 9.14
N THR A 178 13.69 -3.27 9.45
CA THR A 178 13.91 -4.61 8.90
C THR A 178 12.88 -5.60 9.48
N ALA A 179 12.61 -5.47 10.80
CA ALA A 179 11.64 -6.37 11.42
C ALA A 179 10.27 -6.10 10.83
N THR A 180 9.85 -4.82 10.70
CA THR A 180 8.49 -4.58 10.23
C THR A 180 8.35 -4.92 8.75
N LYS A 181 9.41 -4.75 7.90
CA LYS A 181 9.22 -5.16 6.49
C LYS A 181 9.24 -6.63 6.35
N HIS A 182 10.04 -7.32 7.17
CA HIS A 182 9.86 -8.81 7.19
C HIS A 182 8.47 -9.21 7.64
N ALA A 183 7.89 -8.46 8.61
CA ALA A 183 6.51 -8.79 9.05
C ALA A 183 5.56 -8.71 7.85
N ILE A 184 5.78 -7.74 6.93
CA ILE A 184 4.89 -7.61 5.75
C ILE A 184 4.89 -8.87 4.90
N THR A 185 6.05 -9.55 4.78
CA THR A 185 6.08 -10.84 4.06
C THR A 185 5.10 -11.87 4.71
N GLY A 186 5.09 -11.92 6.04
CA GLY A 186 4.18 -12.87 6.78
C GLY A 186 2.74 -12.45 6.54
N LEU A 187 2.48 -11.13 6.62
CA LEU A 187 1.11 -10.61 6.43
C LEU A 187 0.67 -11.02 5.01
N THR A 188 1.51 -10.84 3.95
CA THR A 188 1.13 -11.21 2.58
C THR A 188 0.79 -12.67 2.54
N LYS A 189 1.63 -13.50 3.19
CA LYS A 189 1.35 -14.95 3.07
C LYS A 189 -0.03 -15.28 3.71
N SER A 190 -0.29 -14.75 4.87
CA SER A 190 -1.61 -15.04 5.51
C SER A 190 -2.76 -14.40 4.79
N THR A 191 -2.50 -13.25 4.19
CA THR A 191 -3.59 -12.60 3.45
C THR A 191 -3.97 -13.40 2.19
N SER A 192 -2.98 -13.95 1.50
CA SER A 192 -3.26 -14.81 0.35
C SER A 192 -4.05 -16.01 0.79
N LEU A 193 -3.61 -16.65 1.86
CA LEU A 193 -4.34 -17.88 2.29
C LEU A 193 -5.78 -17.52 2.70
N ASP A 194 -5.96 -16.52 3.56
CA ASP A 194 -7.26 -16.16 4.13
C ASP A 194 -8.12 -15.45 3.13
N GLY A 195 -7.52 -14.81 2.10
CA GLY A 195 -8.36 -14.07 1.10
C GLY A 195 -9.05 -14.96 0.05
N ARG A 196 -8.58 -16.20 -0.13
CA ARG A 196 -8.98 -16.96 -1.25
C ARG A 196 -10.51 -17.17 -1.19
N VAL A 197 -11.02 -17.32 0.04
CA VAL A 197 -12.49 -17.69 0.16
C VAL A 197 -13.35 -16.54 -0.33
N HIS A 198 -12.79 -15.31 -0.34
CA HIS A 198 -13.48 -14.09 -0.69
C HIS A 198 -13.08 -13.62 -2.09
N ASP A 199 -12.37 -14.44 -2.86
CA ASP A 199 -11.82 -14.03 -4.17
C ASP A 199 -10.92 -12.80 -3.96
N ILE A 200 -10.18 -12.80 -2.86
CA ILE A 200 -9.14 -11.76 -2.69
C ILE A 200 -7.76 -12.36 -2.86
N ALA A 201 -7.02 -11.75 -3.76
CA ALA A 201 -5.59 -12.16 -4.02
C ALA A 201 -4.70 -11.13 -3.32
N CYS A 202 -3.46 -11.56 -2.99
CA CYS A 202 -2.54 -10.64 -2.29
C CYS A 202 -1.14 -10.95 -2.80
N GLY A 203 -0.34 -9.92 -3.05
CA GLY A 203 1.06 -10.17 -3.51
C GLY A 203 1.88 -8.99 -2.97
N GLN A 204 3.22 -9.09 -3.13
CA GLN A 204 4.08 -8.13 -2.44
C GLN A 204 5.24 -7.81 -3.46
N ILE A 205 5.66 -6.57 -3.43
CA ILE A 205 6.81 -6.11 -4.17
C ILE A 205 7.92 -5.60 -3.24
N ASP A 206 9.15 -6.03 -3.50
CA ASP A 206 10.28 -5.65 -2.74
C ASP A 206 11.34 -5.10 -3.72
N ILE A 207 12.18 -4.21 -3.21
CA ILE A 207 13.29 -3.74 -3.99
C ILE A 207 14.60 -3.84 -3.25
N GLY A 208 15.70 -3.89 -3.98
CA GLY A 208 16.99 -3.76 -3.24
C GLY A 208 18.06 -3.26 -4.15
N ASN A 209 19.32 -3.35 -3.71
CA ASN A 209 20.39 -2.75 -4.53
C ASN A 209 21.45 -3.84 -4.62
N ALA A 210 22.01 -4.00 -5.82
CA ALA A 210 23.21 -4.83 -5.95
C ALA A 210 24.36 -4.12 -5.23
N ASP A 236 14.59 4.51 -9.75
CA ASP A 236 13.56 5.36 -10.31
C ASP A 236 12.17 4.78 -9.89
N VAL A 237 11.35 5.61 -9.25
CA VAL A 237 10.02 5.16 -8.79
C VAL A 237 9.15 4.66 -9.96
N ALA A 238 9.47 5.08 -11.17
CA ALA A 238 8.67 4.71 -12.33
C ALA A 238 8.66 3.17 -12.49
N HIS A 239 9.75 2.53 -12.13
CA HIS A 239 9.89 1.05 -12.30
C HIS A 239 9.10 0.30 -11.23
N VAL A 240 9.10 0.78 -10.00
CA VAL A 240 8.23 0.16 -9.03
C VAL A 240 6.75 0.37 -9.52
N ALA A 241 6.42 1.57 -10.02
CA ALA A 241 4.98 1.83 -10.44
C ALA A 241 4.62 0.89 -11.62
N SER A 242 5.51 0.72 -12.59
CA SER A 242 5.12 -0.12 -13.72
C SER A 242 4.95 -1.61 -13.31
N ALA A 243 5.77 -2.01 -12.34
CA ALA A 243 5.62 -3.39 -11.77
C ALA A 243 4.29 -3.55 -11.04
N VAL A 244 3.87 -2.51 -10.29
CA VAL A 244 2.59 -2.60 -9.57
C VAL A 244 1.41 -2.63 -10.56
N VAL A 245 1.48 -1.79 -11.59
CA VAL A 245 0.49 -1.81 -12.67
C VAL A 245 0.42 -3.22 -13.31
N TYR A 246 1.59 -3.81 -13.59
CA TYR A 246 1.62 -5.15 -14.12
C TYR A 246 0.90 -6.18 -13.20
N ALA A 248 -1.30 -5.61 -10.93
CA ALA A 248 -2.76 -5.32 -10.82
C ALA A 248 -3.48 -5.69 -12.11
N SER A 249 -2.72 -5.82 -13.21
CA SER A 249 -3.34 -6.16 -14.53
C SER A 249 -3.86 -7.57 -14.64
N LEU A 250 -3.39 -8.49 -13.83
CA LEU A 250 -3.70 -9.91 -13.95
C LEU A 250 -5.14 -10.19 -13.48
N PRO A 251 -5.76 -11.21 -14.09
CA PRO A 251 -7.05 -11.62 -13.51
C PRO A 251 -6.87 -12.22 -12.14
N LEU A 252 -7.94 -12.39 -11.40
CA LEU A 252 -7.84 -12.84 -10.03
C LEU A 252 -7.29 -14.23 -9.78
N ASP A 253 -7.33 -15.12 -10.75
CA ASP A 253 -6.80 -16.46 -10.54
C ASP A 253 -5.33 -16.68 -10.90
N ALA A 254 -4.67 -15.61 -11.31
CA ALA A 254 -3.22 -15.60 -11.44
C ALA A 254 -2.69 -14.43 -10.63
N ASN A 255 -1.62 -14.62 -9.90
CA ASN A 255 -1.25 -13.56 -8.98
C ASN A 255 0.25 -13.59 -8.83
N VAL A 256 0.87 -12.42 -8.96
CA VAL A 256 2.30 -12.34 -8.59
C VAL A 256 2.37 -12.28 -7.11
N GLN A 257 2.78 -13.40 -6.43
CA GLN A 257 2.74 -13.34 -4.95
C GLN A 257 3.93 -12.57 -4.38
N PHE A 258 5.06 -12.70 -5.08
CA PHE A 258 6.28 -11.95 -4.69
C PHE A 258 7.08 -11.56 -5.87
N THR A 260 10.83 -9.15 -6.79
CA THR A 260 11.91 -8.27 -6.25
C THR A 260 12.58 -7.60 -7.44
N ILE A 261 12.67 -6.27 -7.41
CA ILE A 261 13.39 -5.54 -8.43
C ILE A 261 14.67 -4.95 -7.81
N ALA A 263 18.30 -2.66 -8.18
CA ALA A 263 18.89 -1.55 -8.98
C ALA A 263 20.31 -2.09 -9.32
N THR A 264 20.70 -2.02 -10.61
CA THR A 264 22.15 -1.96 -11.14
C THR A 264 22.98 -3.18 -10.87
#